data_7H60
#
_entry.id   7H60
#
_cell.length_a   74.960
_cell.length_b   74.960
_cell.length_c   49.070
_cell.angle_alpha   90.00
_cell.angle_beta   90.00
_cell.angle_gamma   90.00
#
_symmetry.space_group_name_H-M   'P 43'
#
loop_
_entity.id
_entity.type
_entity.pdbx_description
1 polymer Chymase
2 non-polymer 'ZINC ION'
3 non-polymer '3-{[(ethoxycarbonyl)(methyl)amino]methyl}-5-fluoro-1-[(naphthalen-1-yl)methyl]-1H-indole-2-carboxylic acid'
4 water water
#
_entity_poly.entity_id   1
_entity_poly.type   'polypeptide(L)'
_entity_poly.pdbx_seq_one_letter_code
;IIGGTESKPHSRPYMAYLEIVTSNGPSKFCGGFLIRRNFVLTAAHCAGRSITVTLGAHNITEEEDTWQKLEVIKQFRHPK
YNTSTLHHDIMLLKLKEKASLTLAVGTLPFPSQKNFVPPGRMCRVAGWGRTGVLKPGSDTLQEVKLRLMDPQACSHFRDF
DHNLQLCVGNPRKTKSAFKGDSGGPLLCAGVAQGIVSYGRSDAKPPAVFTRISHYRPWINQILQAN
;
_entity_poly.pdbx_strand_id   A
#
loop_
_chem_comp.id
_chem_comp.type
_chem_comp.name
_chem_comp.formula
A1AOT non-polymer '3-{[(ethoxycarbonyl)(methyl)amino]methyl}-5-fluoro-1-[(naphthalen-1-yl)methyl]-1H-indole-2-carboxylic acid' 'C25 H23 F N2 O4'
ZN non-polymer 'ZINC ION' 'Zn 2'
#
# COMPACT_ATOMS: atom_id res chain seq x y z
N ILE A 1 -6.62 1.33 -9.40
CA ILE A 1 -7.05 -0.07 -9.67
C ILE A 1 -7.67 -0.14 -11.06
N ILE A 2 -7.09 -0.99 -11.93
CA ILE A 2 -7.60 -1.23 -13.27
C ILE A 2 -8.40 -2.54 -13.27
N GLY A 3 -9.61 -2.49 -13.85
CA GLY A 3 -10.42 -3.67 -14.09
C GLY A 3 -11.13 -4.19 -12.84
N GLY A 4 -11.30 -3.36 -11.81
CA GLY A 4 -11.85 -3.80 -10.54
C GLY A 4 -13.29 -3.34 -10.35
N THR A 5 -13.76 -3.42 -9.09
CA THR A 5 -15.10 -3.00 -8.70
C THR A 5 -15.01 -2.01 -7.54
N GLU A 6 -16.11 -1.27 -7.31
CA GLU A 6 -16.21 -0.39 -6.16
C GLU A 6 -16.35 -1.23 -4.89
N SER A 7 -15.52 -0.94 -3.87
CA SER A 7 -15.59 -1.62 -2.58
C SER A 7 -16.91 -1.28 -1.88
N LYS A 8 -17.45 -2.22 -1.12
CA LYS A 8 -18.54 -1.93 -0.19
C LYS A 8 -18.03 -0.86 0.80
N PRO A 9 -18.73 0.29 0.95
CA PRO A 9 -18.22 1.37 1.80
C PRO A 9 -17.86 0.93 3.22
N HIS A 10 -16.64 1.30 3.65
CA HIS A 10 -16.15 1.08 5.00
C HIS A 10 -15.91 -0.41 5.29
N SER A 11 -15.84 -1.25 4.25
CA SER A 11 -15.65 -2.68 4.44
C SER A 11 -14.17 -3.05 4.69
N ARG A 12 -13.24 -2.10 4.46
CA ARG A 12 -11.82 -2.31 4.74
C ARG A 12 -11.33 -1.20 5.68
N PRO A 13 -11.68 -1.27 6.98
CA PRO A 13 -11.49 -0.11 7.87
C PRO A 13 -10.06 0.23 8.28
N TYR A 14 -9.10 -0.61 7.87
CA TYR A 14 -7.67 -0.36 8.05
C TYR A 14 -7.06 0.48 6.94
N MET A 15 -7.78 0.76 5.84
CA MET A 15 -7.22 1.45 4.68
C MET A 15 -6.95 2.93 4.97
N ALA A 16 -5.77 3.42 4.53
CA ALA A 16 -5.32 4.79 4.76
C ALA A 16 -5.08 5.51 3.43
N TYR A 17 -5.54 6.78 3.35
CA TYR A 17 -5.29 7.67 2.23
C TYR A 17 -4.22 8.70 2.63
N LEU A 18 -3.10 8.74 1.88
CA LEU A 18 -1.93 9.58 2.17
C LEU A 18 -1.81 10.73 1.17
N GLU A 19 -1.61 11.95 1.67
CA GLU A 19 -1.35 13.13 0.86
C GLU A 19 0.05 13.65 1.25
N ILE A 20 0.96 13.64 0.28
CA ILE A 20 2.39 13.85 0.55
C ILE A 20 2.86 15.15 -0.11
N VAL A 21 3.52 16.00 0.69
CA VAL A 21 4.01 17.29 0.25
C VAL A 21 5.51 17.21 -0.06
N THR A 22 5.91 17.88 -1.15
CA THR A 22 7.32 18.17 -1.42
C THR A 22 7.44 19.67 -1.72
N SER A 23 8.65 20.21 -1.58
CA SER A 23 8.86 21.65 -1.55
C SER A 23 8.70 22.30 -2.93
N ASN A 24 8.89 21.52 -4.02
CA ASN A 24 9.02 22.07 -5.36
C ASN A 24 7.91 21.61 -6.34
N GLY A 25 6.83 20.99 -5.85
CA GLY A 25 5.74 20.59 -6.72
C GLY A 25 4.43 20.40 -5.95
N PRO A 26 3.28 20.19 -6.62
CA PRO A 26 2.02 19.92 -5.93
C PRO A 26 2.00 18.57 -5.19
N SER A 27 0.94 18.35 -4.41
N SER A 27 0.96 18.33 -4.38
CA SER A 27 0.75 17.12 -3.64
CA SER A 27 0.87 17.13 -3.58
C SER A 27 0.79 15.88 -4.53
C SER A 27 0.74 15.89 -4.46
N LYS A 28 1.21 14.75 -3.94
CA LYS A 28 1.03 13.43 -4.54
C LYS A 28 0.29 12.53 -3.55
N PHE A 29 -0.17 11.34 -4.00
CA PHE A 29 -0.97 10.50 -3.14
C PHE A 29 -0.55 9.01 -3.24
N CYS A 30 -0.72 8.33 -2.10
CA CYS A 30 -0.47 6.90 -1.98
C CYS A 30 -1.54 6.28 -1.09
N GLY A 31 -1.54 4.94 -1.05
CA GLY A 31 -2.29 4.19 -0.05
C GLY A 31 -1.39 3.78 1.12
N GLY A 32 -1.99 3.03 2.04
CA GLY A 32 -1.36 2.52 3.26
C GLY A 32 -2.37 1.75 4.11
N PHE A 33 -1.93 1.18 5.24
CA PHE A 33 -2.85 0.49 6.13
C PHE A 33 -2.36 0.55 7.58
N LEU A 34 -3.34 0.66 8.49
CA LEU A 34 -3.14 0.85 9.92
C LEU A 34 -2.88 -0.49 10.59
N ILE A 35 -1.67 -0.69 11.14
CA ILE A 35 -1.34 -1.95 11.80
C ILE A 35 -1.34 -1.80 13.33
N ARG A 36 -1.21 -0.56 13.83
CA ARG A 36 -1.43 -0.22 15.22
C ARG A 36 -2.19 1.10 15.27
N ARG A 37 -2.72 1.47 16.44
CA ARG A 37 -3.56 2.66 16.53
C ARG A 37 -2.74 3.92 16.16
N ASN A 38 -1.41 3.87 16.31
CA ASN A 38 -0.55 4.99 15.94
C ASN A 38 0.55 4.62 14.94
N PHE A 39 0.32 3.61 14.07
CA PHE A 39 1.29 3.28 13.02
C PHE A 39 0.62 2.83 11.72
N VAL A 40 1.05 3.43 10.60
CA VAL A 40 0.62 3.07 9.26
C VAL A 40 1.82 2.54 8.47
N LEU A 41 1.59 1.42 7.74
CA LEU A 41 2.59 0.79 6.89
C LEU A 41 2.31 1.17 5.43
N THR A 42 3.37 1.49 4.69
CA THR A 42 3.27 1.96 3.31
C THR A 42 4.60 1.73 2.60
N ALA A 43 4.77 2.33 1.41
CA ALA A 43 6.01 2.19 0.65
C ALA A 43 6.96 3.35 0.92
N ALA A 44 8.27 3.07 0.90
CA ALA A 44 9.30 4.08 1.17
C ALA A 44 9.35 5.18 0.10
N HIS A 45 8.97 4.85 -1.14
CA HIS A 45 8.97 5.84 -2.21
C HIS A 45 7.85 6.87 -2.02
N CYS A 46 6.98 6.68 -1.02
CA CYS A 46 5.91 7.64 -0.70
C CYS A 46 6.36 8.71 0.31
N ALA A 47 7.66 8.72 0.67
CA ALA A 47 8.19 9.64 1.66
C ALA A 47 8.27 11.06 1.11
N GLY A 48 8.18 12.07 2.00
CA GLY A 48 8.25 13.46 1.59
C GLY A 48 8.60 14.40 2.76
N ARG A 49 8.35 15.70 2.55
CA ARG A 49 8.61 16.71 3.57
C ARG A 49 7.62 16.58 4.73
N SER A 50 6.34 16.33 4.39
CA SER A 50 5.30 16.08 5.37
C SER A 50 4.14 15.30 4.73
N ILE A 51 3.37 14.60 5.57
CA ILE A 51 2.30 13.70 5.13
C ILE A 51 1.10 13.83 6.06
N THR A 52 -0.11 13.82 5.48
N THR A 52 -0.11 13.82 5.48
CA THR A 52 -1.34 13.73 6.25
CA THR A 52 -1.35 13.74 6.25
C THR A 52 -2.06 12.42 5.89
C THR A 52 -2.07 12.43 5.88
N VAL A 53 -2.62 11.77 6.91
CA VAL A 53 -3.33 10.50 6.76
C VAL A 53 -4.83 10.71 7.01
N THR A 54 -5.69 10.22 6.09
CA THR A 54 -7.13 10.17 6.30
C THR A 54 -7.58 8.71 6.46
N LEU A 55 -8.14 8.39 7.64
CA LEU A 55 -8.78 7.11 7.94
C LEU A 55 -10.29 7.26 7.84
N GLY A 56 -10.99 6.15 7.56
CA GLY A 56 -12.44 6.09 7.57
C GLY A 56 -13.12 6.63 6.30
N ALA A 57 -12.40 6.65 5.16
CA ALA A 57 -12.95 7.23 3.94
C ALA A 57 -13.46 6.16 2.97
N HIS A 58 -14.47 6.55 2.17
CA HIS A 58 -14.88 5.81 0.98
C HIS A 58 -14.76 6.71 -0.26
N ASN A 59 -15.64 7.73 -0.36
CA ASN A 59 -15.51 8.78 -1.36
C ASN A 59 -14.68 9.92 -0.77
N ILE A 60 -13.48 10.11 -1.32
CA ILE A 60 -12.46 10.97 -0.76
C ILE A 60 -12.76 12.44 -1.05
N THR A 61 -13.78 12.74 -1.88
CA THR A 61 -14.17 14.13 -2.15
C THR A 61 -15.37 14.57 -1.29
N GLU A 62 -15.94 13.65 -0.49
CA GLU A 62 -17.10 13.98 0.34
C GLU A 62 -16.78 13.76 1.83
N GLU A 63 -16.60 14.86 2.55
N GLU A 63 -16.58 14.86 2.56
CA GLU A 63 -16.32 14.86 3.99
CA GLU A 63 -16.28 14.81 3.99
C GLU A 63 -17.50 14.25 4.74
C GLU A 63 -17.47 14.27 4.75
N GLU A 64 -17.18 13.46 5.78
CA GLU A 64 -18.20 12.79 6.59
C GLU A 64 -17.67 12.50 8.00
N ASP A 65 -18.61 12.20 8.92
CA ASP A 65 -18.30 11.96 10.32
C ASP A 65 -17.30 10.81 10.51
N THR A 66 -17.26 9.82 9.59
CA THR A 66 -16.33 8.69 9.74
C THR A 66 -14.86 9.12 9.56
N TRP A 67 -14.60 10.26 8.88
CA TRP A 67 -13.24 10.71 8.62
C TRP A 67 -12.48 10.98 9.93
N GLN A 68 -11.21 10.53 9.96
CA GLN A 68 -10.22 10.98 10.92
C GLN A 68 -8.97 11.43 10.17
N LYS A 69 -8.71 12.74 10.17
CA LYS A 69 -7.55 13.32 9.50
C LYS A 69 -6.44 13.48 10.52
N LEU A 70 -5.39 12.67 10.40
CA LEU A 70 -4.41 12.56 11.48
C LEU A 70 -3.01 12.99 11.03
N GLU A 71 -2.30 13.62 11.97
CA GLU A 71 -0.97 14.16 11.79
C GLU A 71 0.09 13.06 11.92
N VAL A 72 1.13 13.12 11.09
CA VAL A 72 2.28 12.23 11.19
C VAL A 72 3.42 12.97 11.87
N ILE A 73 4.04 12.36 12.90
N ILE A 73 4.01 12.35 12.91
CA ILE A 73 5.10 13.03 13.64
CA ILE A 73 5.09 12.97 13.69
C ILE A 73 6.48 12.61 13.14
C ILE A 73 6.44 12.62 13.09
N LYS A 74 6.61 11.36 12.64
CA LYS A 74 7.89 10.88 12.13
C LYS A 74 7.71 9.79 11.08
N GLN A 75 8.62 9.79 10.09
CA GLN A 75 8.66 8.82 9.00
C GLN A 75 9.87 7.89 9.18
N PHE A 76 9.64 6.56 9.22
CA PHE A 76 10.70 5.57 9.39
C PHE A 76 10.90 4.74 8.11
N ARG A 77 11.80 5.21 7.23
N ARG A 77 11.76 5.24 7.20
CA ARG A 77 12.09 4.54 5.98
CA ARG A 77 12.10 4.52 5.99
C ARG A 77 13.11 3.42 6.23
C ARG A 77 13.04 3.36 6.33
N HIS A 78 12.98 2.29 5.53
CA HIS A 78 13.90 1.18 5.69
C HIS A 78 15.32 1.70 5.45
N PRO A 79 16.29 1.45 6.37
CA PRO A 79 17.62 2.03 6.24
C PRO A 79 18.43 1.63 4.99
N LYS A 80 18.04 0.53 4.33
CA LYS A 80 18.71 0.04 3.13
C LYS A 80 17.93 0.34 1.85
N TYR A 81 16.84 1.11 1.94
CA TYR A 81 16.04 1.49 0.78
C TYR A 81 16.96 2.09 -0.29
N ASN A 82 16.82 1.63 -1.53
CA ASN A 82 17.67 2.04 -2.63
C ASN A 82 16.82 2.72 -3.70
N THR A 83 17.11 4.00 -4.01
CA THR A 83 16.25 4.77 -4.90
C THR A 83 16.46 4.38 -6.37
N SER A 84 17.52 3.62 -6.70
CA SER A 84 17.75 3.15 -8.05
C SER A 84 17.09 1.80 -8.33
N THR A 85 17.39 0.78 -7.51
CA THR A 85 16.86 -0.56 -7.71
C THR A 85 15.45 -0.71 -7.13
N LEU A 86 15.13 0.10 -6.11
CA LEU A 86 13.86 0.08 -5.37
C LEU A 86 13.75 -1.14 -4.46
N HIS A 87 14.89 -1.78 -4.14
CA HIS A 87 14.96 -2.79 -3.08
C HIS A 87 14.63 -2.16 -1.72
N HIS A 88 13.86 -2.92 -0.92
CA HIS A 88 13.49 -2.56 0.45
C HIS A 88 12.54 -1.35 0.48
N ASP A 89 11.53 -1.38 -0.39
CA ASP A 89 10.58 -0.29 -0.52
C ASP A 89 9.47 -0.45 0.53
N ILE A 90 9.76 -0.03 1.77
CA ILE A 90 8.84 -0.16 2.88
C ILE A 90 9.13 0.94 3.91
N MET A 91 8.06 1.44 4.55
CA MET A 91 8.14 2.58 5.47
C MET A 91 7.02 2.49 6.52
N LEU A 92 7.35 2.90 7.76
CA LEU A 92 6.39 3.02 8.85
C LEU A 92 6.20 4.51 9.18
N LEU A 93 4.92 4.92 9.35
CA LEU A 93 4.58 6.28 9.76
C LEU A 93 4.02 6.25 11.18
N LYS A 94 4.64 7.02 12.09
CA LYS A 94 4.15 7.17 13.45
C LYS A 94 3.18 8.35 13.53
N LEU A 95 1.95 8.10 14.00
CA LEU A 95 0.94 9.14 14.14
C LEU A 95 1.12 9.88 15.46
N LYS A 96 0.83 11.18 15.47
N LYS A 96 0.82 11.17 15.46
CA LYS A 96 1.01 12.01 16.65
CA LYS A 96 0.97 12.03 16.62
C LYS A 96 0.12 11.54 17.79
C LYS A 96 0.13 11.53 17.78
N GLU A 97 -1.10 11.08 17.47
CA GLU A 97 -2.02 10.52 18.46
C GLU A 97 -2.52 9.15 17.99
N LYS A 98 -3.12 8.37 18.89
CA LYS A 98 -3.75 7.11 18.50
C LYS A 98 -5.10 7.42 17.88
N ALA A 99 -5.43 6.71 16.80
CA ALA A 99 -6.74 6.81 16.16
C ALA A 99 -7.87 6.30 17.07
N SER A 100 -9.08 6.84 16.86
CA SER A 100 -10.27 6.29 17.51
C SER A 100 -10.74 5.02 16.79
N LEU A 101 -11.17 4.02 17.57
CA LEU A 101 -11.78 2.81 17.05
C LEU A 101 -13.30 3.03 16.86
N THR A 102 -13.76 2.84 15.62
CA THR A 102 -15.16 2.92 15.25
C THR A 102 -15.46 1.77 14.29
N LEU A 103 -16.68 1.71 13.76
CA LEU A 103 -17.03 0.71 12.76
C LEU A 103 -16.27 0.95 11.45
N ALA A 104 -15.85 2.20 11.19
CA ALA A 104 -15.20 2.57 9.93
C ALA A 104 -13.67 2.54 10.03
N VAL A 105 -13.12 2.44 11.25
CA VAL A 105 -11.68 2.54 11.47
C VAL A 105 -11.22 1.48 12.48
N GLY A 106 -10.26 0.64 12.06
CA GLY A 106 -9.64 -0.35 12.93
C GLY A 106 -8.34 -0.90 12.35
N THR A 107 -7.58 -1.62 13.19
CA THR A 107 -6.25 -2.10 12.84
C THR A 107 -6.34 -3.46 12.14
N LEU A 108 -5.27 -3.78 11.42
CA LEU A 108 -5.08 -5.08 10.79
C LEU A 108 -3.73 -5.61 11.25
N PRO A 109 -3.66 -6.32 12.40
CA PRO A 109 -2.41 -6.91 12.88
C PRO A 109 -2.03 -8.19 12.16
N PHE A 110 -0.73 -8.53 12.23
CA PHE A 110 -0.22 -9.74 11.61
C PHE A 110 -0.49 -10.93 12.52
N PRO A 111 -0.69 -12.14 11.96
CA PRO A 111 -0.67 -13.37 12.76
C PRO A 111 0.78 -13.69 13.14
N SER A 112 0.97 -14.64 14.06
CA SER A 112 2.30 -15.00 14.53
C SER A 112 3.10 -15.69 13.41
N GLN A 113 2.42 -16.50 12.59
CA GLN A 113 3.03 -17.20 11.48
C GLN A 113 3.65 -16.20 10.50
N LYS A 114 4.82 -16.54 9.94
CA LYS A 114 5.58 -15.66 9.06
C LYS A 114 6.03 -16.43 7.82
N ASN A 115 5.16 -17.29 7.28
CA ASN A 115 5.53 -18.26 6.26
C ASN A 115 5.62 -17.62 4.87
N PHE A 116 6.48 -18.19 4.02
CA PHE A 116 6.66 -17.76 2.64
C PHE A 116 5.47 -18.21 1.79
N VAL A 117 4.90 -17.29 1.00
CA VAL A 117 3.72 -17.59 0.20
C VAL A 117 4.14 -17.91 -1.23
N PRO A 118 3.93 -19.15 -1.71
CA PRO A 118 4.34 -19.53 -3.07
C PRO A 118 3.38 -19.06 -4.16
N PRO A 119 3.78 -19.11 -5.46
CA PRO A 119 2.90 -18.75 -6.57
C PRO A 119 1.67 -19.66 -6.68
N GLY A 120 0.59 -19.14 -7.25
CA GLY A 120 -0.55 -19.96 -7.68
C GLY A 120 -1.91 -19.43 -7.20
N ARG A 121 -1.97 -18.90 -5.97
CA ARG A 121 -3.23 -18.53 -5.35
C ARG A 121 -3.69 -17.13 -5.81
N MET A 122 -4.97 -16.84 -5.51
CA MET A 122 -5.58 -15.55 -5.78
C MET A 122 -5.59 -14.72 -4.49
N CYS A 123 -5.30 -13.41 -4.63
CA CYS A 123 -5.31 -12.45 -3.52
C CYS A 123 -6.04 -11.19 -3.99
N ARG A 124 -6.26 -10.22 -3.07
CA ARG A 124 -6.99 -9.00 -3.39
C ARG A 124 -6.21 -7.75 -2.94
N VAL A 125 -6.34 -6.66 -3.72
CA VAL A 125 -5.68 -5.38 -3.44
C VAL A 125 -6.70 -4.25 -3.63
N ALA A 126 -6.55 -3.16 -2.85
CA ALA A 126 -7.49 -2.05 -2.87
C ALA A 126 -6.75 -0.70 -2.90
N GLY A 127 -7.42 0.32 -3.47
CA GLY A 127 -6.82 1.65 -3.52
C GLY A 127 -7.66 2.68 -4.29
N TRP A 128 -7.18 3.93 -4.26
CA TRP A 128 -7.86 5.07 -4.90
C TRP A 128 -7.11 5.49 -6.17
N GLY A 129 -6.26 4.61 -6.71
CA GLY A 129 -5.40 4.96 -7.84
C GLY A 129 -6.16 5.07 -9.16
N ARG A 130 -5.41 5.36 -10.23
CA ARG A 130 -5.98 5.57 -11.56
C ARG A 130 -6.59 4.27 -12.06
N THR A 131 -7.66 4.39 -12.84
CA THR A 131 -8.41 3.24 -13.34
C THR A 131 -8.04 2.98 -14.79
N GLY A 132 -7.06 3.73 -15.30
CA GLY A 132 -6.56 3.53 -16.65
C GLY A 132 -5.38 4.46 -16.93
N VAL A 133 -4.69 4.22 -18.05
CA VAL A 133 -3.47 4.95 -18.37
C VAL A 133 -3.78 6.43 -18.52
N LEU A 134 -4.90 6.77 -19.16
CA LEU A 134 -5.26 8.16 -19.37
C LEU A 134 -6.47 8.53 -18.51
N LYS A 135 -6.61 7.90 -17.32
CA LYS A 135 -7.74 8.18 -16.45
C LYS A 135 -7.21 8.74 -15.12
N PRO A 136 -8.10 9.31 -14.29
CA PRO A 136 -7.63 10.01 -13.11
C PRO A 136 -7.81 9.02 -11.96
N GLY A 137 -7.25 9.37 -10.80
CA GLY A 137 -7.49 8.63 -9.58
C GLY A 137 -8.99 8.53 -9.27
N SER A 138 -9.43 7.35 -8.82
CA SER A 138 -10.82 7.10 -8.50
C SER A 138 -11.23 7.93 -7.28
N ASP A 139 -12.48 8.44 -7.29
CA ASP A 139 -13.04 9.12 -6.15
C ASP A 139 -13.43 8.12 -5.06
N THR A 140 -13.86 6.90 -5.46
CA THR A 140 -14.25 5.85 -4.51
C THR A 140 -13.14 4.81 -4.38
N LEU A 141 -13.10 4.15 -3.21
CA LEU A 141 -12.21 3.01 -3.01
C LEU A 141 -12.64 1.88 -3.94
N GLN A 142 -11.67 1.33 -4.69
CA GLN A 142 -11.87 0.22 -5.62
C GLN A 142 -11.04 -0.99 -5.17
N GLU A 143 -11.37 -2.18 -5.70
CA GLU A 143 -10.61 -3.39 -5.40
C GLU A 143 -10.69 -4.40 -6.55
N VAL A 144 -9.69 -5.30 -6.62
CA VAL A 144 -9.58 -6.30 -7.67
C VAL A 144 -8.86 -7.55 -7.14
N LYS A 145 -9.29 -8.73 -7.64
CA LYS A 145 -8.66 -10.01 -7.32
C LYS A 145 -7.63 -10.37 -8.40
N LEU A 146 -6.42 -10.78 -7.98
CA LEU A 146 -5.30 -11.00 -8.89
C LEU A 146 -4.58 -12.30 -8.51
N ARG A 147 -3.86 -12.89 -9.49
CA ARG A 147 -3.11 -14.13 -9.31
C ARG A 147 -1.66 -13.86 -8.94
N LEU A 148 -1.13 -14.62 -7.97
CA LEU A 148 0.29 -14.65 -7.67
C LEU A 148 0.99 -15.49 -8.73
N MET A 149 1.97 -14.89 -9.42
CA MET A 149 2.64 -15.52 -10.55
C MET A 149 3.99 -16.10 -10.15
N ASP A 150 4.47 -17.07 -10.94
CA ASP A 150 5.84 -17.55 -10.86
C ASP A 150 6.79 -16.37 -11.11
N PRO A 151 7.97 -16.34 -10.45
CA PRO A 151 8.88 -15.18 -10.55
C PRO A 151 9.45 -14.90 -11.95
N GLN A 152 9.46 -15.91 -12.82
CA GLN A 152 9.90 -15.73 -14.20
C GLN A 152 9.03 -14.70 -14.92
N ALA A 153 7.75 -14.54 -14.51
CA ALA A 153 6.86 -13.61 -15.20
C ALA A 153 7.26 -12.14 -15.01
N CYS A 154 8.09 -11.84 -13.98
CA CYS A 154 8.59 -10.50 -13.70
C CYS A 154 10.07 -10.32 -14.09
N SER A 155 10.62 -11.24 -14.90
CA SER A 155 12.05 -11.22 -15.23
C SER A 155 12.46 -9.89 -15.89
N HIS A 156 11.56 -9.31 -16.69
CA HIS A 156 11.82 -8.11 -17.48
C HIS A 156 12.08 -6.88 -16.59
N PHE A 157 11.63 -6.93 -15.33
CA PHE A 157 12.06 -5.96 -14.34
C PHE A 157 13.41 -6.44 -13.81
N ARG A 158 14.50 -5.83 -14.30
CA ARG A 158 15.82 -6.45 -14.20
C ARG A 158 16.30 -6.49 -12.74
N ASP A 159 15.73 -5.63 -11.87
CA ASP A 159 16.11 -5.58 -10.46
C ASP A 159 15.09 -6.28 -9.55
N PHE A 160 14.14 -7.03 -10.13
CA PHE A 160 13.22 -7.85 -9.35
C PHE A 160 13.96 -9.02 -8.71
N ASP A 161 13.56 -9.40 -7.48
CA ASP A 161 14.08 -10.60 -6.81
C ASP A 161 12.97 -11.35 -6.08
N HIS A 162 12.90 -12.67 -6.31
CA HIS A 162 11.85 -13.54 -5.79
C HIS A 162 11.78 -13.59 -4.26
N ASN A 163 12.93 -13.43 -3.59
N ASN A 163 12.95 -13.49 -3.60
CA ASN A 163 12.98 -13.61 -2.15
CA ASN A 163 13.06 -13.58 -2.14
C ASN A 163 12.68 -12.28 -1.43
C ASN A 163 12.51 -12.32 -1.49
N LEU A 164 12.62 -11.17 -2.18
CA LEU A 164 12.27 -9.87 -1.62
C LEU A 164 10.86 -9.42 -2.02
N GLN A 165 10.34 -9.93 -3.14
CA GLN A 165 9.19 -9.34 -3.81
C GLN A 165 8.24 -10.42 -4.34
N LEU A 166 6.95 -10.06 -4.42
CA LEU A 166 5.92 -10.86 -5.08
C LEU A 166 5.69 -10.33 -6.50
N CYS A 167 5.32 -11.25 -7.41
CA CYS A 167 4.98 -10.96 -8.81
C CYS A 167 3.48 -11.19 -8.96
N VAL A 168 2.72 -10.11 -9.25
CA VAL A 168 1.27 -10.08 -9.04
C VAL A 168 0.54 -9.58 -10.29
N GLY A 169 -0.28 -10.47 -10.89
CA GLY A 169 -1.19 -10.12 -11.98
C GLY A 169 -0.90 -10.88 -13.28
N ASN A 170 -1.88 -11.69 -13.73
CA ASN A 170 -1.78 -12.46 -14.96
C ASN A 170 -1.59 -11.53 -16.16
N PRO A 171 -0.50 -11.68 -16.95
CA PRO A 171 -0.27 -10.79 -18.09
C PRO A 171 -1.27 -10.89 -19.25
N ARG A 172 -2.14 -11.92 -19.22
CA ARG A 172 -3.15 -12.13 -20.25
C ARG A 172 -4.39 -11.28 -19.98
N LYS A 173 -4.43 -10.56 -18.85
CA LYS A 173 -5.59 -9.76 -18.47
C LYS A 173 -5.18 -8.32 -18.22
N THR A 174 -6.17 -7.43 -18.08
CA THR A 174 -5.92 -6.01 -17.86
C THR A 174 -5.88 -5.68 -16.37
N LYS A 175 -6.41 -6.58 -15.52
CA LYS A 175 -6.56 -6.32 -14.09
C LYS A 175 -5.20 -6.05 -13.46
N SER A 176 -5.09 -5.01 -12.63
CA SER A 176 -3.81 -4.62 -12.02
C SER A 176 -3.95 -3.48 -11.02
N ALA A 177 -3.03 -3.44 -10.05
CA ALA A 177 -2.73 -2.22 -9.30
C ALA A 177 -2.00 -1.26 -10.23
N PHE A 178 -2.16 0.06 -10.00
CA PHE A 178 -1.55 1.06 -10.86
C PHE A 178 -1.17 2.31 -10.06
N LYS A 179 -0.83 3.40 -10.78
CA LYS A 179 -0.41 4.64 -10.18
C LYS A 179 -1.46 5.16 -9.21
N GLY A 180 -1.04 5.54 -8.01
CA GLY A 180 -1.95 5.98 -6.96
C GLY A 180 -2.30 4.87 -5.96
N ASP A 181 -1.98 3.61 -6.29
CA ASP A 181 -2.25 2.47 -5.42
C ASP A 181 -1.01 2.11 -4.59
N SER A 182 0.13 2.77 -4.84
CA SER A 182 1.35 2.57 -4.07
C SER A 182 1.06 2.50 -2.57
N GLY A 183 1.72 1.55 -1.89
CA GLY A 183 1.68 1.48 -0.44
C GLY A 183 0.50 0.69 0.12
N GLY A 184 -0.49 0.36 -0.73
CA GLY A 184 -1.64 -0.41 -0.31
C GLY A 184 -1.32 -1.88 -0.07
N PRO A 185 -2.14 -2.60 0.73
CA PRO A 185 -1.91 -4.02 1.03
C PRO A 185 -2.48 -4.99 0.00
N LEU A 186 -1.76 -6.10 -0.22
CA LEU A 186 -2.29 -7.26 -0.91
C LEU A 186 -2.70 -8.28 0.15
N LEU A 187 -3.97 -8.68 0.16
CA LEU A 187 -4.48 -9.63 1.14
C LEU A 187 -4.74 -10.99 0.52
N CYS A 188 -4.14 -12.03 1.12
CA CYS A 188 -4.35 -13.42 0.74
C CYS A 188 -5.09 -14.13 1.88
N ALA A 189 -6.34 -14.53 1.62
CA ALA A 189 -7.24 -15.13 2.61
C ALA A 189 -7.28 -14.30 3.90
N GLY A 190 -7.33 -12.97 3.77
CA GLY A 190 -7.57 -12.08 4.90
C GLY A 190 -6.30 -11.66 5.63
N VAL A 191 -5.14 -12.11 5.14
CA VAL A 191 -3.84 -11.80 5.73
C VAL A 191 -3.05 -10.94 4.73
N ALA A 192 -2.47 -9.83 5.20
CA ALA A 192 -1.65 -8.96 4.36
C ALA A 192 -0.30 -9.63 4.08
N GLN A 193 0.04 -9.82 2.79
CA GLN A 193 1.27 -10.49 2.39
C GLN A 193 2.17 -9.62 1.50
N GLY A 194 1.63 -8.55 0.89
CA GLY A 194 2.42 -7.66 0.04
C GLY A 194 2.03 -6.18 0.15
N ILE A 195 2.89 -5.32 -0.44
CA ILE A 195 2.71 -3.87 -0.50
C ILE A 195 3.01 -3.42 -1.94
N VAL A 196 2.09 -2.66 -2.56
CA VAL A 196 2.24 -2.20 -3.94
C VAL A 196 3.51 -1.37 -4.05
N SER A 197 4.38 -1.69 -5.02
CA SER A 197 5.66 -1.00 -5.18
C SER A 197 5.76 -0.30 -6.54
N TYR A 198 5.88 -1.05 -7.65
CA TYR A 198 6.03 -0.41 -8.95
C TYR A 198 5.63 -1.34 -10.09
N GLY A 199 5.58 -0.77 -11.30
CA GLY A 199 5.31 -1.50 -12.54
C GLY A 199 5.60 -0.67 -13.78
N ARG A 200 4.96 -1.03 -14.91
CA ARG A 200 5.12 -0.37 -16.20
C ARG A 200 4.18 0.83 -16.33
N SER A 201 4.68 1.88 -16.99
N SER A 201 4.67 1.88 -17.00
CA SER A 201 3.94 3.11 -17.23
CA SER A 201 3.90 3.11 -17.19
C SER A 201 2.69 2.83 -18.07
C SER A 201 2.71 2.88 -18.13
N ASP A 202 2.76 1.81 -18.94
CA ASP A 202 1.65 1.46 -19.84
C ASP A 202 0.68 0.47 -19.21
N ALA A 203 0.91 0.07 -17.95
CA ALA A 203 -0.08 -0.64 -17.15
C ALA A 203 -0.17 -2.13 -17.47
N LYS A 204 0.66 -2.65 -18.39
CA LYS A 204 0.66 -4.07 -18.67
C LYS A 204 1.18 -4.86 -17.46
N PRO A 205 0.34 -5.74 -16.89
CA PRO A 205 0.76 -6.56 -15.75
C PRO A 205 1.72 -7.68 -16.16
N PRO A 206 2.44 -8.34 -15.20
CA PRO A 206 2.31 -8.09 -13.76
C PRO A 206 3.01 -6.86 -13.18
N ALA A 207 2.69 -6.54 -11.91
CA ALA A 207 3.38 -5.52 -11.13
C ALA A 207 4.12 -6.14 -9.93
N VAL A 208 5.00 -5.34 -9.32
CA VAL A 208 5.91 -5.79 -8.27
C VAL A 208 5.41 -5.26 -6.92
N PHE A 209 5.36 -6.15 -5.91
CA PHE A 209 4.96 -5.85 -4.55
C PHE A 209 6.09 -6.23 -3.57
N THR A 210 6.27 -5.47 -2.49
CA THR A 210 7.18 -5.84 -1.41
C THR A 210 6.67 -7.11 -0.71
N ARG A 211 7.55 -8.08 -0.44
CA ARG A 211 7.17 -9.31 0.26
C ARG A 211 7.30 -9.11 1.77
N ILE A 212 6.15 -9.04 2.49
CA ILE A 212 6.11 -8.62 3.88
C ILE A 212 6.84 -9.61 4.82
N SER A 213 6.73 -10.92 4.54
CA SER A 213 7.36 -11.94 5.39
C SER A 213 8.83 -11.62 5.66
N HIS A 214 9.56 -11.19 4.63
CA HIS A 214 10.98 -10.90 4.71
C HIS A 214 11.33 -9.74 5.64
N TYR A 215 10.38 -8.85 5.94
CA TYR A 215 10.67 -7.63 6.71
C TYR A 215 10.04 -7.68 8.10
N ARG A 216 9.48 -8.84 8.50
CA ARG A 216 8.76 -8.93 9.77
C ARG A 216 9.68 -8.57 10.95
N PRO A 217 10.95 -9.03 11.01
CA PRO A 217 11.86 -8.60 12.09
C PRO A 217 12.06 -7.09 12.19
N TRP A 218 12.26 -6.43 11.05
CA TRP A 218 12.43 -4.99 11.04
C TRP A 218 11.19 -4.28 11.57
N ILE A 219 9.99 -4.72 11.18
CA ILE A 219 8.74 -4.11 11.61
C ILE A 219 8.61 -4.19 13.14
N ASN A 220 8.85 -5.39 13.70
CA ASN A 220 8.74 -5.64 15.13
C ASN A 220 9.75 -4.75 15.87
N GLN A 221 10.93 -4.56 15.29
CA GLN A 221 12.01 -3.79 15.91
C GLN A 221 11.63 -2.31 16.02
N ILE A 222 10.98 -1.75 14.98
CA ILE A 222 10.53 -0.37 15.03
C ILE A 222 9.41 -0.21 16.06
N LEU A 223 8.43 -1.13 16.06
CA LEU A 223 7.24 -0.97 16.88
C LEU A 223 7.58 -1.09 18.36
N GLN A 224 8.55 -1.96 18.70
CA GLN A 224 8.94 -2.20 20.09
C GLN A 224 9.63 -0.97 20.68
N ALA A 225 10.44 -0.28 19.88
CA ALA A 225 11.24 0.85 20.36
C ALA A 225 10.48 2.18 20.32
N ASN A 226 9.20 2.18 19.92
CA ASN A 226 8.48 3.42 19.68
C ASN A 226 7.00 3.30 20.08
ZN ZN B . -19.60 6.82 5.08
N1 A1AOT C . 4.72 4.72 -8.16
C4 A1AOT C . 6.31 6.28 -7.69
C5 A1AOT C . 6.07 4.91 -7.92
C6 A1AOT C . 4.09 3.43 -8.46
C7 A1AOT C . 4.82 8.44 -7.64
C8 A1AOT C . 5.86 9.70 -5.83
C13 A1AOT C . 7.60 6.72 -7.42
C17 A1AOT C . 8.60 5.77 -7.39
C21 A1AOT C . 8.40 4.42 -7.60
C24 A1AOT C . 3.70 8.57 -5.43
C26 A1AOT C . 2.64 1.03 -9.51
C28 A1AOT C . 2.58 0.48 -12.24
C2 A1AOT C . 5.03 6.94 -7.79
C3 A1AOT C . 4.10 5.98 -8.09
C9 A1AOT C . 2.64 6.15 -8.25
N10 A1AOT C . 4.84 8.94 -6.27
C11 A1AOT C . 4.02 3.09 -9.94
C12 A1AOT C . 7.11 3.98 -7.88
C14 A1AOT C . 3.32 1.93 -10.39
O15 A1AOT C . 6.80 10.03 -6.49
O16 A1AOT C . 1.91 5.43 -7.58
C18 A1AOT C . 3.29 1.64 -11.79
O19 A1AOT C . 5.69 10.06 -4.54
O20 A1AOT C . 2.21 7.11 -9.02
F22 A1AOT C . 9.87 6.19 -7.11
C23 A1AOT C . 4.66 3.89 -10.87
C25 A1AOT C . 4.61 3.60 -12.23
C27 A1AOT C . 3.95 2.50 -12.69
C29 A1AOT C . 6.76 10.90 -3.98
C30 A1AOT C . 6.30 11.53 -2.75
C31 A1AOT C . 1.98 -0.07 -9.98
C32 A1AOT C . 1.94 -0.34 -11.36
#